data_7Z2Y
#
_entry.id   7Z2Y
#
_cell.length_a   63.554
_cell.length_b   47.464
_cell.length_c   65.445
_cell.angle_alpha   90.000
_cell.angle_beta   100.685
_cell.angle_gamma   90.000
#
_symmetry.space_group_name_H-M   'P 1 21 1'
#
loop_
_entity.id
_entity.type
_entity.pdbx_description
1 polymer Acidphosphatase
2 non-polymer D-MYO-INOSITOL-HEXASULPHATE
3 non-polymer 'NICKEL (II) ION'
4 water water
#
_entity_poly.entity_id   1
_entity_poly.type   'polypeptide(L)'
_entity_poly.pdbx_seq_one_letter_code
;GPQSEPELKLESVVIVSRHGVRAPTKATQLMQDVTPDAWPTWPVKLGWLTPRGGELIAYLGHYQRQRLVADGLLAKKGCP
QSGQVAIIADVDERTRKTGEAFAAGLAPDCAITVHTQADTSSPDPLFNPLKTGVCQLDNANVTDAILSRAGGSIADFTGH
RQTAFRELERVLNFPQSNLCLKREKQDESCSLTQALPSELKVSADNVSLTGAVSLASMLTEIFLLQQAQGMPEPGWGRIT
DSHQWNTLLSLHNAQFYLLQRTPEVARSRATPLLDLIKTALTPHPPQKQAYGVTLPTSVLFIAGHDENLANLGGALELNW
TLPGQPDNTPPGGELVFERWRRLSDNSQWIQVSLVFQTLQQMRDKTPLSLNTPPGEVKLTLAGCEERNAQGMCSLAGFTQ
IVNEARIPACSL
;
_entity_poly.pdbx_strand_id   A
#
loop_
_chem_comp.id
_chem_comp.type
_chem_comp.name
_chem_comp.formula
IHS non-polymer D-MYO-INOSITOL-HEXASULPHATE 'C6 H12 O24 S6'
NI non-polymer 'NICKEL (II) ION' 'Ni 2'
#
# COMPACT_ATOMS: atom_id res chain seq x y z
N LEU A 8 0.90 7.68 -28.66
CA LEU A 8 1.81 7.67 -27.52
C LEU A 8 2.70 6.45 -27.51
N LYS A 9 3.90 6.58 -26.98
CA LYS A 9 4.85 5.48 -26.88
C LYS A 9 5.38 5.41 -25.47
N LEU A 10 5.30 4.22 -24.87
CA LEU A 10 5.76 4.02 -23.49
C LEU A 10 7.27 4.02 -23.43
N GLU A 11 7.82 4.87 -22.56
CA GLU A 11 9.25 5.02 -22.40
C GLU A 11 9.78 4.46 -21.09
N SER A 12 8.98 4.42 -20.04
CA SER A 12 9.52 4.09 -18.71
C SER A 12 8.37 3.84 -17.75
N VAL A 13 8.61 2.96 -16.78
CA VAL A 13 7.57 2.63 -15.82
C VAL A 13 8.22 2.40 -14.46
N VAL A 14 7.62 2.99 -13.44
CA VAL A 14 8.02 2.76 -12.06
C VAL A 14 6.81 2.21 -11.32
N ILE A 15 6.98 1.03 -10.70
CA ILE A 15 5.91 0.33 -10.00
C ILE A 15 6.22 0.36 -8.52
N VAL A 16 5.42 1.08 -7.75
CA VAL A 16 5.52 1.05 -6.30
C VAL A 16 4.48 0.06 -5.80
N SER A 17 4.94 -1.06 -5.25
CA SER A 17 4.06 -2.16 -4.91
C SER A 17 4.04 -2.37 -3.40
N ARG A 18 2.87 -2.69 -2.87
CA ARG A 18 2.85 -3.29 -1.54
C ARG A 18 3.28 -4.74 -1.67
N HIS A 19 3.92 -5.25 -0.62
CA HIS A 19 4.22 -6.66 -0.49
C HIS A 19 2.96 -7.50 -0.67
N GLY A 20 3.12 -8.80 -0.90
CA GLY A 20 2.00 -9.68 -1.12
C GLY A 20 1.38 -10.17 0.18
N VAL A 21 0.41 -11.06 0.04
CA VAL A 21 -0.28 -11.63 1.20
C VAL A 21 0.72 -12.11 2.24
N ARG A 22 0.49 -11.74 3.50
CA ARG A 22 1.37 -12.06 4.62
C ARG A 22 0.54 -12.48 5.82
N ALA A 23 1.17 -13.22 6.74
CA ALA A 23 0.54 -13.48 8.03
C ALA A 23 0.40 -12.18 8.80
N PRO A 24 -0.48 -12.14 9.79
CA PRO A 24 -0.53 -10.98 10.71
C PRO A 24 0.83 -10.68 11.32
N THR A 25 1.05 -9.39 11.60
CA THR A 25 2.32 -8.93 12.17
C THR A 25 2.44 -9.16 13.67
N LYS A 26 1.31 -9.36 14.37
CA LYS A 26 1.33 -9.50 15.82
C LYS A 26 0.15 -10.36 16.26
N ALA A 27 0.27 -10.92 17.46
CA ALA A 27 -0.78 -11.73 18.08
C ALA A 27 -0.90 -11.26 19.54
N THR A 28 -1.78 -10.28 19.78
CA THR A 28 -1.85 -9.63 21.08
C THR A 28 -2.95 -10.23 21.95
N GLN A 29 -2.85 -9.97 23.25
CA GLN A 29 -3.89 -10.41 24.17
C GLN A 29 -5.22 -9.75 23.82
N LEU A 30 -5.20 -8.46 23.50
CA LEU A 30 -6.45 -7.78 23.15
C LEU A 30 -7.12 -8.46 21.96
N MET A 31 -6.35 -8.90 20.96
CA MET A 31 -6.96 -9.66 19.86
C MET A 31 -7.67 -10.90 20.38
N GLN A 32 -7.16 -11.50 21.45
CA GLN A 32 -7.83 -12.66 22.01
C GLN A 32 -9.07 -12.26 22.81
N ASP A 33 -9.01 -11.12 23.47
CA ASP A 33 -10.03 -10.72 24.42
C ASP A 33 -11.30 -10.21 23.78
N VAL A 34 -11.27 -9.88 22.47
CA VAL A 34 -12.42 -9.26 21.81
C VAL A 34 -13.27 -10.27 21.03
N THR A 35 -12.95 -11.57 21.13
CA THR A 35 -13.73 -12.60 20.44
C THR A 35 -13.63 -13.87 21.26
N PRO A 36 -14.72 -14.63 21.38
CA PRO A 36 -14.66 -15.93 22.07
C PRO A 36 -14.08 -17.02 21.19
N ASP A 37 -13.88 -16.73 19.90
CA ASP A 37 -13.42 -17.70 18.93
C ASP A 37 -11.90 -17.64 18.81
N ALA A 38 -11.34 -18.65 18.17
CA ALA A 38 -9.90 -18.78 18.04
C ALA A 38 -9.48 -18.27 16.68
N TRP A 39 -8.44 -17.44 16.65
CA TRP A 39 -7.93 -16.94 15.38
C TRP A 39 -7.24 -18.06 14.60
N PRO A 40 -7.53 -18.23 13.31
CA PRO A 40 -6.82 -19.24 12.53
C PRO A 40 -5.33 -18.96 12.49
N THR A 41 -4.56 -20.03 12.60
CA THR A 41 -3.10 -19.94 12.56
C THR A 41 -2.62 -19.87 11.11
N TRP A 42 -1.40 -19.34 10.94
CA TRP A 42 -0.87 -19.09 9.62
C TRP A 42 0.36 -19.97 9.35
N PRO A 43 0.65 -20.28 8.09
CA PRO A 43 1.74 -21.22 7.79
C PRO A 43 3.14 -20.61 7.80
N VAL A 44 3.29 -19.34 8.14
CA VAL A 44 4.60 -18.69 8.17
C VAL A 44 4.68 -17.85 9.43
N LYS A 45 5.91 -17.42 9.76
CA LYS A 45 6.14 -16.58 10.91
C LYS A 45 5.37 -15.27 10.77
N LEU A 46 5.19 -14.58 11.91
CA LEU A 46 4.44 -13.34 11.88
C LEU A 46 5.01 -12.38 10.83
N GLY A 47 4.12 -11.79 10.06
CA GLY A 47 4.53 -10.75 9.13
C GLY A 47 5.28 -11.24 7.92
N TRP A 48 5.42 -12.56 7.74
CA TRP A 48 6.11 -13.07 6.56
C TRP A 48 5.12 -13.24 5.41
N LEU A 49 5.65 -13.14 4.19
CA LEU A 49 4.90 -13.48 2.99
C LEU A 49 4.57 -14.96 2.98
N THR A 50 3.33 -15.30 2.65
CA THR A 50 3.02 -16.71 2.46
C THR A 50 3.40 -17.14 1.03
N PRO A 51 3.60 -18.44 0.83
CA PRO A 51 3.86 -18.92 -0.54
C PRO A 51 2.75 -18.55 -1.49
N ARG A 52 1.50 -18.64 -1.03
CA ARG A 52 0.40 -18.18 -1.88
C ARG A 52 0.53 -16.69 -2.15
N GLY A 53 0.95 -15.92 -1.15
CA GLY A 53 1.22 -14.51 -1.37
C GLY A 53 2.20 -14.27 -2.51
N GLY A 54 3.29 -15.04 -2.54
CA GLY A 54 4.25 -14.86 -3.62
C GLY A 54 3.69 -15.29 -4.97
N GLU A 55 2.84 -16.32 -4.98
CA GLU A 55 2.25 -16.78 -6.22
C GLU A 55 1.32 -15.74 -6.80
N LEU A 56 0.55 -15.05 -5.95
CA LEU A 56 -0.26 -13.92 -6.42
C LEU A 56 0.59 -12.78 -6.98
N ILE A 57 1.74 -12.50 -6.36
CA ILE A 57 2.62 -11.47 -6.91
C ILE A 57 3.17 -11.88 -8.27
N ALA A 58 3.56 -13.15 -8.42
CA ALA A 58 4.09 -13.61 -9.71
C ALA A 58 3.04 -13.46 -10.81
N TYR A 59 1.77 -13.72 -10.49
CA TYR A 59 0.71 -13.48 -11.47
C TYR A 59 0.75 -12.05 -11.96
N LEU A 60 0.93 -11.10 -11.04
CA LEU A 60 1.02 -9.68 -11.43
C LEU A 60 2.26 -9.44 -12.27
N GLY A 61 3.35 -10.12 -11.94
CA GLY A 61 4.56 -9.93 -12.73
C GLY A 61 4.41 -10.49 -14.14
N HIS A 62 3.72 -11.64 -14.26
CA HIS A 62 3.46 -12.22 -15.57
C HIS A 62 2.59 -11.28 -16.41
N TYR A 63 1.52 -10.78 -15.80
CA TYR A 63 0.67 -9.81 -16.49
C TYR A 63 1.47 -8.59 -16.93
N GLN A 64 2.33 -8.06 -16.05
CA GLN A 64 3.06 -6.85 -16.42
C GLN A 64 4.00 -7.11 -17.59
N ARG A 65 4.61 -8.30 -17.62
CA ARG A 65 5.44 -8.67 -18.77
C ARG A 65 4.61 -8.63 -20.05
N GLN A 66 3.46 -9.32 -20.05
CA GLN A 66 2.62 -9.34 -21.25
C GLN A 66 2.21 -7.92 -21.66
N ARG A 67 1.81 -7.09 -20.68
CA ARG A 67 1.42 -5.71 -20.95
C ARG A 67 2.60 -4.89 -21.49
N LEU A 68 3.78 -5.04 -20.90
CA LEU A 68 4.90 -4.20 -21.29
C LEU A 68 5.48 -4.66 -22.62
N VAL A 69 5.38 -5.95 -22.92
CA VAL A 69 5.68 -6.44 -24.25
C VAL A 69 4.74 -5.82 -25.27
N ALA A 70 3.44 -5.90 -25.01
CA ALA A 70 2.46 -5.32 -25.91
C ALA A 70 2.70 -3.83 -26.11
N ASP A 71 3.21 -3.14 -25.09
CA ASP A 71 3.52 -1.72 -25.21
C ASP A 71 4.87 -1.47 -25.85
N GLY A 72 5.61 -2.52 -26.21
CA GLY A 72 6.88 -2.35 -26.90
C GLY A 72 8.06 -1.99 -26.02
N LEU A 73 7.91 -2.07 -24.70
CA LEU A 73 9.01 -1.67 -23.83
C LEU A 73 9.94 -2.83 -23.47
N LEU A 74 9.43 -4.05 -23.47
CA LEU A 74 10.19 -5.26 -23.17
C LEU A 74 10.08 -6.23 -24.33
N ALA A 75 11.14 -7.01 -24.52
CA ALA A 75 11.14 -8.02 -25.57
C ALA A 75 10.21 -9.18 -25.19
N LYS A 76 9.64 -9.82 -26.23
CA LYS A 76 8.69 -10.91 -26.01
C LYS A 76 9.40 -12.16 -25.52
N LYS A 77 10.63 -12.37 -25.93
CA LYS A 77 11.39 -13.55 -25.56
C LYS A 77 12.75 -13.12 -25.04
N GLY A 78 13.35 -13.97 -24.22
CA GLY A 78 14.62 -13.67 -23.61
C GLY A 78 14.45 -12.86 -22.34
N CYS A 79 15.57 -12.68 -21.65
CA CYS A 79 15.67 -11.95 -20.39
C CYS A 79 15.97 -10.48 -20.66
N PRO A 80 15.38 -9.56 -19.91
CA PRO A 80 15.78 -8.16 -20.02
C PRO A 80 17.27 -8.03 -19.79
N GLN A 81 17.93 -7.23 -20.62
CA GLN A 81 19.38 -7.14 -20.59
C GLN A 81 19.83 -6.01 -19.67
N SER A 82 20.83 -6.31 -18.84
CA SER A 82 21.63 -5.32 -18.13
C SER A 82 20.84 -4.12 -17.63
N GLY A 83 20.12 -4.31 -16.52
CA GLY A 83 19.49 -3.20 -15.86
C GLY A 83 18.26 -2.64 -16.53
N GLN A 84 17.83 -3.20 -17.68
CA GLN A 84 16.57 -2.78 -18.30
C GLN A 84 15.41 -2.91 -17.32
N VAL A 85 15.47 -3.89 -16.42
CA VAL A 85 14.54 -4.02 -15.31
C VAL A 85 15.35 -3.97 -14.02
N ALA A 86 14.90 -3.17 -13.06
CA ALA A 86 15.57 -3.09 -11.77
C ALA A 86 14.55 -3.27 -10.66
N ILE A 87 14.97 -3.91 -9.57
CA ILE A 87 14.08 -4.21 -8.46
C ILE A 87 14.75 -3.74 -7.18
N ILE A 88 13.99 -3.02 -6.36
CA ILE A 88 14.42 -2.53 -5.06
C ILE A 88 13.35 -2.94 -4.06
N ALA A 89 13.77 -3.42 -2.89
CA ALA A 89 12.83 -3.89 -1.87
C ALA A 89 13.28 -3.43 -0.49
N ASP A 90 12.31 -3.16 0.37
CA ASP A 90 12.58 -2.94 1.78
C ASP A 90 13.21 -4.20 2.36
N VAL A 91 13.84 -4.03 3.53
CA VAL A 91 14.61 -5.12 4.14
C VAL A 91 13.75 -6.19 4.76
N ASP A 92 12.47 -5.91 4.99
CA ASP A 92 11.59 -6.93 5.55
C ASP A 92 11.58 -8.18 4.68
N GLU A 93 11.47 -9.34 5.32
CA GLU A 93 11.29 -10.58 4.57
C GLU A 93 10.18 -10.43 3.52
N ARG A 94 9.03 -9.86 3.91
CA ARG A 94 7.85 -9.87 3.04
C ARG A 94 8.09 -9.03 1.79
N THR A 95 8.81 -7.92 1.92
CA THR A 95 9.10 -7.09 0.75
C THR A 95 10.19 -7.72 -0.13
N ARG A 96 11.25 -8.24 0.48
CA ARG A 96 12.26 -8.96 -0.30
C ARG A 96 11.63 -10.12 -1.08
N LYS A 97 10.84 -10.94 -0.40
CA LYS A 97 10.23 -12.07 -1.09
C LYS A 97 9.23 -11.63 -2.15
N THR A 98 8.54 -10.51 -1.92
CA THR A 98 7.71 -9.94 -2.97
C THR A 98 8.55 -9.54 -4.18
N GLY A 99 9.70 -8.91 -3.95
CA GLY A 99 10.59 -8.62 -5.06
C GLY A 99 10.91 -9.84 -5.90
N GLU A 100 11.35 -10.93 -5.26
CA GLU A 100 11.69 -12.14 -6.00
C GLU A 100 10.49 -12.72 -6.72
N ALA A 101 9.32 -12.69 -6.09
CA ALA A 101 8.12 -13.23 -6.73
C ALA A 101 7.78 -12.44 -7.98
N PHE A 102 7.83 -11.12 -7.90
CA PHE A 102 7.57 -10.30 -9.08
C PHE A 102 8.55 -10.66 -10.18
N ALA A 103 9.84 -10.76 -9.84
CA ALA A 103 10.83 -11.10 -10.86
C ALA A 103 10.54 -12.47 -11.45
N ALA A 104 10.13 -13.42 -10.61
CA ALA A 104 9.83 -14.76 -11.12
C ALA A 104 8.65 -14.74 -12.09
N GLY A 105 7.68 -13.86 -11.88
CA GLY A 105 6.58 -13.80 -12.82
C GLY A 105 6.89 -12.99 -14.06
N LEU A 106 7.67 -11.91 -13.90
CA LEU A 106 7.94 -11.04 -15.03
C LEU A 106 8.97 -11.63 -15.97
N ALA A 107 10.01 -12.29 -15.43
CA ALA A 107 11.13 -12.77 -16.24
C ALA A 107 11.64 -14.06 -15.62
N PRO A 108 10.92 -15.16 -15.80
CA PRO A 108 11.25 -16.40 -15.08
C PRO A 108 12.60 -16.97 -15.51
N ASP A 109 13.40 -17.36 -14.51
CA ASP A 109 14.72 -17.94 -14.68
C ASP A 109 15.73 -16.96 -15.26
N CYS A 110 15.49 -15.67 -15.09
CA CYS A 110 16.42 -14.63 -15.48
C CYS A 110 17.24 -14.13 -14.30
N ALA A 111 16.88 -14.47 -13.07
CA ALA A 111 17.69 -14.14 -11.90
C ALA A 111 17.91 -12.63 -11.78
N ILE A 112 16.86 -11.85 -12.02
CA ILE A 112 16.93 -10.40 -11.76
C ILE A 112 17.18 -10.17 -10.28
N THR A 113 18.17 -9.34 -9.97
CA THR A 113 18.57 -9.11 -8.58
C THR A 113 17.54 -8.26 -7.83
N VAL A 114 17.24 -8.67 -6.61
CA VAL A 114 16.41 -7.89 -5.70
C VAL A 114 17.35 -7.06 -4.83
N HIS A 115 17.54 -5.80 -5.17
CA HIS A 115 18.45 -4.96 -4.39
C HIS A 115 17.75 -4.50 -3.12
N THR A 116 18.50 -4.44 -2.02
CA THR A 116 18.13 -3.77 -0.76
C THR A 116 19.30 -2.90 -0.30
N GLN A 117 19.11 -2.23 0.83
CA GLN A 117 20.22 -1.49 1.41
C GLN A 117 21.26 -2.47 1.96
N ALA A 118 22.47 -1.96 2.22
CA ALA A 118 23.58 -2.85 2.57
C ALA A 118 23.25 -3.67 3.82
N ASP A 119 22.69 -3.02 4.84
CA ASP A 119 22.40 -3.62 6.13
C ASP A 119 20.92 -4.02 6.19
N THR A 120 20.66 -5.33 6.11
CA THR A 120 19.27 -5.79 6.09
C THR A 120 18.69 -5.97 7.49
N SER A 121 19.50 -5.84 8.54
CA SER A 121 19.02 -5.94 9.93
C SER A 121 18.61 -4.58 10.51
N SER A 122 18.56 -3.53 9.69
CA SER A 122 18.25 -2.16 10.09
C SER A 122 17.23 -1.58 9.15
N PRO A 123 16.44 -0.63 9.61
CA PRO A 123 15.44 -0.01 8.74
C PRO A 123 16.08 0.73 7.58
N ASP A 124 15.37 0.74 6.44
CA ASP A 124 15.77 1.50 5.26
C ASP A 124 15.02 2.82 5.24
N PRO A 125 15.68 3.98 5.35
CA PRO A 125 14.93 5.25 5.37
C PRO A 125 14.17 5.53 4.09
N LEU A 126 14.47 4.82 3.00
CA LEU A 126 13.75 5.05 1.75
C LEU A 126 12.24 4.85 1.93
N PHE A 127 11.87 3.82 2.70
CA PHE A 127 10.46 3.48 2.92
C PHE A 127 9.84 4.18 4.13
N ASN A 128 10.61 4.99 4.84
CA ASN A 128 10.13 5.81 5.96
C ASN A 128 11.30 6.56 6.57
N PRO A 129 11.54 7.80 6.15
CA PRO A 129 12.66 8.57 6.71
C PRO A 129 12.45 8.97 8.17
N LEU A 130 11.20 8.95 8.68
CA LEU A 130 11.00 9.20 10.10
C LEU A 130 11.67 8.11 10.96
N LYS A 131 11.72 6.88 10.45
CA LYS A 131 12.09 5.72 11.25
C LYS A 131 13.56 5.74 11.66
N THR A 132 14.42 6.40 10.88
CA THR A 132 15.82 6.54 11.27
C THR A 132 16.16 7.97 11.64
N GLY A 133 15.14 8.82 11.83
CA GLY A 133 15.39 10.16 12.31
C GLY A 133 16.04 11.08 11.30
N VAL A 134 15.92 10.79 10.01
CA VAL A 134 16.42 11.71 9.00
C VAL A 134 15.73 13.07 9.16
N CYS A 135 14.45 13.05 9.48
CA CYS A 135 13.69 14.28 9.72
C CYS A 135 12.62 13.98 10.75
N GLN A 136 11.89 15.02 11.15
CA GLN A 136 10.84 14.90 12.16
C GLN A 136 9.56 15.57 11.67
N LEU A 137 8.43 15.06 12.17
CA LEU A 137 7.15 15.69 11.93
C LEU A 137 7.01 16.96 12.78
N ASP A 138 6.18 17.87 12.31
CA ASP A 138 5.80 19.04 13.12
C ASP A 138 4.63 18.64 14.02
N ASN A 139 4.89 18.52 15.33
CA ASN A 139 3.90 17.97 16.24
C ASN A 139 2.56 18.70 16.12
N ALA A 140 2.55 20.02 16.38
CA ALA A 140 1.29 20.77 16.39
C ALA A 140 0.57 20.68 15.05
N ASN A 141 1.28 20.94 13.93
CA ASN A 141 0.61 20.91 12.64
C ASN A 141 0.02 19.55 12.32
N VAL A 142 0.74 18.48 12.66
CA VAL A 142 0.23 17.13 12.43
C VAL A 142 -1.01 16.87 13.29
N THR A 143 -0.95 17.21 14.57
CA THR A 143 -2.09 16.96 15.43
C THR A 143 -3.34 17.63 14.86
N ASP A 144 -3.22 18.92 14.51
CA ASP A 144 -4.40 19.66 14.08
C ASP A 144 -4.90 19.17 12.72
N ALA A 145 -3.97 18.86 11.81
CA ALA A 145 -4.34 18.36 10.49
C ALA A 145 -5.10 17.05 10.59
N ILE A 146 -4.58 16.11 11.36
CA ILE A 146 -5.25 14.81 11.49
C ILE A 146 -6.61 14.99 12.15
N LEU A 147 -6.67 15.73 13.25
CA LEU A 147 -7.95 15.91 13.92
C LEU A 147 -8.98 16.55 13.00
N SER A 148 -8.54 17.47 12.15
CA SER A 148 -9.49 18.13 11.26
C SER A 148 -10.02 17.15 10.21
N ARG A 149 -9.14 16.33 9.63
CA ARG A 149 -9.60 15.34 8.67
C ARG A 149 -10.53 14.30 9.30
N ALA A 150 -10.45 14.10 10.61
CA ALA A 150 -11.35 13.15 11.26
C ALA A 150 -12.72 13.76 11.52
N GLY A 151 -12.91 15.03 11.22
CA GLY A 151 -14.15 15.70 11.55
C GLY A 151 -14.08 16.63 12.74
N GLY A 152 -12.90 16.87 13.30
CA GLY A 152 -12.74 17.71 14.47
C GLY A 152 -12.24 17.00 15.71
N SER A 153 -12.45 15.69 15.79
CA SER A 153 -12.05 14.95 16.97
C SER A 153 -12.14 13.49 16.61
N ILE A 154 -11.46 12.66 17.40
CA ILE A 154 -11.59 11.24 17.18
C ILE A 154 -12.97 10.72 17.62
N ALA A 155 -13.66 11.41 18.54
CA ALA A 155 -15.03 11.03 18.88
C ALA A 155 -15.98 11.28 17.71
N ASP A 156 -15.79 12.38 16.99
CA ASP A 156 -16.56 12.62 15.77
C ASP A 156 -16.31 11.53 14.72
N PHE A 157 -15.05 11.14 14.55
CA PHE A 157 -14.65 10.12 13.59
C PHE A 157 -15.35 8.79 13.87
N THR A 158 -15.29 8.31 15.11
CA THR A 158 -15.89 7.01 15.43
C THR A 158 -17.41 7.09 15.47
N GLY A 159 -17.97 8.25 15.79
CA GLY A 159 -19.42 8.35 15.83
C GLY A 159 -20.05 8.19 14.46
N HIS A 160 -19.39 8.69 13.43
CA HIS A 160 -19.89 8.56 12.07
C HIS A 160 -19.63 7.19 11.47
N ARG A 161 -19.14 6.24 12.29
CA ARG A 161 -18.76 4.93 11.79
C ARG A 161 -19.29 3.79 12.65
N GLN A 162 -20.30 4.05 13.48
CA GLN A 162 -20.82 3.02 14.36
C GLN A 162 -21.32 1.81 13.60
N THR A 163 -21.92 2.05 12.43
CA THR A 163 -22.41 0.95 11.62
C THR A 163 -21.29 -0.03 11.28
N ALA A 164 -20.11 0.48 10.96
CA ALA A 164 -19.02 -0.43 10.60
C ALA A 164 -18.41 -1.07 11.84
N PHE A 165 -18.31 -0.33 12.94
CA PHE A 165 -17.84 -0.95 14.18
C PHE A 165 -18.81 -2.05 14.62
N ARG A 166 -20.12 -1.80 14.53
CA ARG A 166 -21.09 -2.85 14.84
C ARG A 166 -20.92 -4.05 13.90
N GLU A 167 -20.57 -3.81 12.64
CA GLU A 167 -20.31 -4.94 11.75
C GLU A 167 -19.15 -5.79 12.27
N LEU A 168 -18.08 -5.13 12.69
CA LEU A 168 -16.90 -5.83 13.19
C LEU A 168 -17.22 -6.61 14.44
N GLU A 169 -18.02 -6.02 15.34
CA GLU A 169 -18.44 -6.72 16.55
C GLU A 169 -19.21 -7.98 16.22
N ARG A 170 -20.12 -7.90 15.24
CA ARG A 170 -20.86 -9.10 14.85
C ARG A 170 -19.94 -10.19 14.34
N VAL A 171 -19.02 -9.83 13.44
CA VAL A 171 -18.08 -10.82 12.91
C VAL A 171 -17.21 -11.38 14.04
N LEU A 172 -16.89 -10.56 15.04
CA LEU A 172 -16.10 -11.10 16.15
C LEU A 172 -16.92 -11.90 17.13
N ASN A 173 -18.25 -11.81 17.07
CA ASN A 173 -19.10 -12.21 18.18
C ASN A 173 -18.63 -11.51 19.44
N PHE A 174 -18.38 -10.21 19.30
CA PHE A 174 -17.89 -9.37 20.40
C PHE A 174 -18.73 -9.46 21.66
N PRO A 175 -20.06 -9.51 21.60
CA PRO A 175 -20.82 -9.56 22.87
C PRO A 175 -20.46 -10.76 23.76
N GLN A 176 -19.96 -11.86 23.19
CA GLN A 176 -19.66 -13.06 23.97
C GLN A 176 -18.18 -13.15 24.31
N SER A 177 -17.44 -12.06 24.10
CA SER A 177 -16.01 -12.05 24.30
C SER A 177 -15.69 -11.79 25.77
N ASN A 178 -14.45 -12.13 26.14
CA ASN A 178 -13.97 -11.83 27.48
C ASN A 178 -14.08 -10.34 27.78
N LEU A 179 -13.63 -9.48 26.87
CA LEU A 179 -13.71 -8.04 27.13
C LEU A 179 -15.14 -7.65 27.45
N CYS A 180 -16.09 -8.10 26.64
CA CYS A 180 -17.47 -7.72 26.87
C CYS A 180 -18.01 -8.33 28.16
N LEU A 181 -17.74 -9.60 28.39
CA LEU A 181 -18.28 -10.22 29.60
C LEU A 181 -17.81 -9.48 30.85
N LYS A 182 -16.55 -9.05 30.86
CA LYS A 182 -16.06 -8.23 31.97
C LYS A 182 -16.79 -6.89 32.04
N ARG A 183 -16.89 -6.18 30.91
CA ARG A 183 -17.57 -4.90 30.93
C ARG A 183 -18.93 -5.01 31.60
N GLU A 184 -19.60 -6.16 31.42
CA GLU A 184 -20.94 -6.30 31.97
C GLU A 184 -20.92 -6.37 33.49
N LYS A 185 -19.98 -7.15 34.06
CA LYS A 185 -19.82 -7.19 35.51
C LYS A 185 -19.38 -5.86 36.12
N GLN A 186 -19.18 -4.86 35.27
CA GLN A 186 -18.52 -3.65 35.67
C GLN A 186 -19.24 -2.42 35.18
N ASP A 187 -20.58 -2.43 35.18
CA ASP A 187 -21.39 -1.26 34.79
C ASP A 187 -21.54 -1.18 33.28
N GLU A 188 -20.49 -1.48 32.51
CA GLU A 188 -20.60 -1.91 31.11
C GLU A 188 -20.27 -0.90 30.03
N SER A 189 -21.19 -0.82 29.06
CA SER A 189 -20.92 -0.37 27.70
C SER A 189 -20.14 -1.44 26.95
N CYS A 190 -20.86 -2.37 26.35
CA CYS A 190 -20.22 -3.37 25.50
C CYS A 190 -20.18 -2.95 24.04
N SER A 191 -19.39 -1.91 23.80
CA SER A 191 -19.12 -1.43 22.47
C SER A 191 -17.61 -1.30 22.37
N LEU A 192 -17.08 -1.53 21.16
CA LEU A 192 -15.64 -1.47 20.99
C LEU A 192 -15.12 -0.05 21.22
N THR A 193 -15.77 0.93 20.59
CA THR A 193 -15.25 2.29 20.63
C THR A 193 -15.18 2.83 22.06
N GLN A 194 -16.12 2.43 22.92
CA GLN A 194 -16.19 2.95 24.29
C GLN A 194 -15.40 2.09 25.26
N ALA A 195 -15.31 0.77 25.02
CA ALA A 195 -14.46 -0.07 25.86
C ALA A 195 -12.99 0.25 25.64
N LEU A 196 -12.64 0.65 24.43
CA LEU A 196 -11.27 0.98 24.04
C LEU A 196 -11.24 2.38 23.43
N PRO A 197 -11.36 3.42 24.26
CA PRO A 197 -11.31 4.79 23.72
C PRO A 197 -10.06 5.00 22.88
N SER A 198 -10.19 5.81 21.84
CA SER A 198 -9.13 6.03 20.87
C SER A 198 -8.55 7.42 21.05
N GLU A 199 -7.22 7.49 21.12
CA GLU A 199 -6.48 8.73 21.27
C GLU A 199 -5.49 8.84 20.14
N LEU A 200 -5.29 10.05 19.65
CA LEU A 200 -4.22 10.34 18.70
C LEU A 200 -2.93 10.59 19.47
N LYS A 201 -1.90 9.80 19.15
CA LYS A 201 -0.57 9.96 19.72
C LYS A 201 0.36 10.46 18.63
N VAL A 202 0.90 11.66 18.80
CA VAL A 202 1.80 12.26 17.83
C VAL A 202 3.15 12.45 18.49
N SER A 203 4.17 11.82 17.91
CA SER A 203 5.56 11.99 18.34
C SER A 203 6.36 12.56 17.18
N ALA A 204 7.62 12.88 17.45
CA ALA A 204 8.49 13.43 16.41
C ALA A 204 8.74 12.45 15.27
N ASP A 205 8.60 11.14 15.51
CA ASP A 205 8.90 10.14 14.48
C ASP A 205 7.69 9.32 14.05
N ASN A 206 6.53 9.46 14.71
CA ASN A 206 5.42 8.57 14.44
C ASN A 206 4.11 9.25 14.82
N VAL A 207 3.03 8.76 14.21
CA VAL A 207 1.67 9.06 14.64
C VAL A 207 0.91 7.75 14.72
N SER A 208 0.04 7.64 15.71
CA SER A 208 -0.80 6.46 15.74
C SER A 208 -2.06 6.80 16.50
N LEU A 209 -3.07 5.95 16.32
CA LEU A 209 -4.27 5.92 17.15
C LEU A 209 -4.21 4.74 18.10
N THR A 210 -4.79 4.92 19.28
CA THR A 210 -4.90 3.83 20.24
C THR A 210 -6.29 3.24 20.15
N GLY A 211 -6.52 2.19 20.94
CA GLY A 211 -7.88 1.79 21.18
C GLY A 211 -8.53 1.19 19.94
N ALA A 212 -9.85 1.40 19.84
CA ALA A 212 -10.67 0.66 18.87
C ALA A 212 -10.33 1.00 17.42
N VAL A 213 -9.93 2.23 17.14
CA VAL A 213 -9.66 2.58 15.76
C VAL A 213 -8.53 1.73 15.20
N SER A 214 -7.41 1.64 15.94
CA SER A 214 -6.25 0.89 15.47
C SER A 214 -6.49 -0.61 15.57
N LEU A 215 -7.17 -1.07 16.62
CA LEU A 215 -7.54 -2.47 16.68
C LEU A 215 -8.39 -2.86 15.47
N ALA A 216 -9.39 -2.03 15.12
CA ALA A 216 -10.28 -2.34 14.01
C ALA A 216 -9.55 -2.29 12.67
N SER A 217 -8.68 -1.30 12.46
CA SER A 217 -7.90 -1.30 11.23
C SER A 217 -7.14 -2.62 11.07
N MET A 218 -6.59 -3.14 12.17
CA MET A 218 -5.74 -4.32 12.05
C MET A 218 -6.62 -5.56 11.85
N LEU A 219 -7.73 -5.66 12.59
CA LEU A 219 -8.52 -6.88 12.50
C LEU A 219 -9.19 -7.02 11.15
N THR A 220 -9.69 -5.93 10.58
CA THR A 220 -10.37 -6.07 9.29
C THR A 220 -9.38 -6.41 8.18
N GLU A 221 -8.15 -5.88 8.28
CA GLU A 221 -7.09 -6.28 7.37
C GLU A 221 -6.77 -7.77 7.52
N ILE A 222 -6.75 -8.28 8.75
CA ILE A 222 -6.51 -9.71 8.94
C ILE A 222 -7.59 -10.52 8.24
N PHE A 223 -8.87 -10.14 8.46
CA PHE A 223 -9.96 -10.80 7.74
C PHE A 223 -9.64 -10.83 6.24
N LEU A 224 -9.24 -9.68 5.67
CA LEU A 224 -8.99 -9.61 4.23
C LEU A 224 -7.84 -10.53 3.85
N LEU A 225 -6.81 -10.59 4.69
CA LEU A 225 -5.69 -11.47 4.40
C LEU A 225 -6.12 -12.93 4.44
N GLN A 226 -7.00 -13.29 5.38
CA GLN A 226 -7.49 -14.67 5.44
C GLN A 226 -8.21 -15.03 4.15
N GLN A 227 -9.10 -14.15 3.70
CA GLN A 227 -9.79 -14.38 2.44
C GLN A 227 -8.79 -14.57 1.30
N ALA A 228 -7.84 -13.63 1.17
CA ALA A 228 -6.88 -13.70 0.07
C ALA A 228 -5.99 -14.93 0.16
N GLN A 229 -5.69 -15.36 1.39
CA GLN A 229 -4.90 -16.57 1.62
C GLN A 229 -5.66 -17.85 1.28
N GLY A 230 -6.96 -17.75 1.01
CA GLY A 230 -7.72 -18.95 0.72
C GLY A 230 -8.16 -19.73 1.93
N MET A 231 -8.18 -19.11 3.11
CA MET A 231 -8.59 -19.82 4.30
C MET A 231 -10.06 -20.21 4.21
N PRO A 232 -10.43 -21.37 4.77
CA PRO A 232 -11.78 -21.91 4.50
C PRO A 232 -12.89 -20.99 4.95
N GLU A 233 -12.82 -20.39 6.14
CA GLU A 233 -13.88 -19.49 6.63
C GLU A 233 -13.28 -18.27 7.32
N PRO A 234 -12.94 -17.24 6.55
CA PRO A 234 -12.49 -15.98 7.18
C PRO A 234 -13.55 -15.40 8.08
N GLY A 235 -13.12 -14.75 9.15
CA GLY A 235 -14.08 -14.19 10.11
C GLY A 235 -15.06 -15.23 10.63
N TRP A 236 -14.56 -16.41 10.98
CA TRP A 236 -15.32 -17.59 11.40
C TRP A 236 -16.56 -17.81 10.58
N GLY A 237 -16.48 -17.55 9.27
CA GLY A 237 -17.58 -17.77 8.35
C GLY A 237 -18.66 -16.72 8.38
N ARG A 238 -18.48 -15.63 9.12
CA ARG A 238 -19.56 -14.67 9.32
C ARG A 238 -19.52 -13.49 8.34
N ILE A 239 -18.60 -13.48 7.38
CA ILE A 239 -18.53 -12.46 6.35
C ILE A 239 -19.00 -13.12 5.06
N THR A 240 -20.19 -12.74 4.60
CA THR A 240 -20.89 -13.53 3.61
C THR A 240 -21.21 -12.79 2.30
N ASP A 241 -21.10 -11.46 2.26
CA ASP A 241 -21.32 -10.74 1.00
C ASP A 241 -20.41 -9.53 0.92
N SER A 242 -20.29 -8.97 -0.28
CA SER A 242 -19.31 -7.92 -0.54
C SER A 242 -19.62 -6.66 0.24
N HIS A 243 -20.91 -6.39 0.51
CA HIS A 243 -21.29 -5.26 1.34
C HIS A 243 -20.64 -5.36 2.72
N GLN A 244 -20.63 -6.55 3.31
CA GLN A 244 -20.00 -6.73 4.62
C GLN A 244 -18.49 -6.51 4.51
N TRP A 245 -17.87 -7.04 3.45
CA TRP A 245 -16.44 -6.86 3.28
C TRP A 245 -16.11 -5.38 3.18
N ASN A 246 -16.89 -4.65 2.36
CA ASN A 246 -16.61 -3.24 2.19
C ASN A 246 -16.76 -2.46 3.48
N THR A 247 -17.85 -2.72 4.22
CA THR A 247 -18.11 -2.08 5.51
C THR A 247 -16.99 -2.37 6.50
N LEU A 248 -16.48 -3.60 6.51
CA LEU A 248 -15.39 -3.94 7.43
C LEU A 248 -14.11 -3.15 7.12
N LEU A 249 -13.65 -3.22 5.88
CA LEU A 249 -12.38 -2.61 5.52
C LEU A 249 -12.46 -1.09 5.45
N SER A 250 -13.66 -0.51 5.48
CA SER A 250 -13.76 0.94 5.56
C SER A 250 -13.09 1.50 6.83
N LEU A 251 -13.01 0.70 7.90
CA LEU A 251 -12.30 1.13 9.11
C LEU A 251 -10.80 1.11 8.89
N HIS A 252 -10.30 0.12 8.16
CA HIS A 252 -8.89 0.09 7.80
C HIS A 252 -8.54 1.28 6.90
N ASN A 253 -9.37 1.53 5.89
CA ASN A 253 -9.11 2.61 4.97
C ASN A 253 -9.17 3.97 5.69
N ALA A 254 -10.15 4.13 6.59
CA ALA A 254 -10.26 5.38 7.33
C ALA A 254 -9.02 5.65 8.17
N GLN A 255 -8.48 4.63 8.83
CA GLN A 255 -7.25 4.88 9.60
C GLN A 255 -6.11 5.29 8.67
N PHE A 256 -6.03 4.70 7.47
CA PHE A 256 -4.96 5.12 6.57
C PHE A 256 -5.23 6.51 6.00
N TYR A 257 -6.50 6.86 5.86
CA TYR A 257 -6.81 8.20 5.40
C TYR A 257 -6.29 9.23 6.38
N LEU A 258 -6.39 8.94 7.69
CA LEU A 258 -5.97 9.88 8.73
C LEU A 258 -4.46 9.84 8.93
N LEU A 259 -3.89 8.65 9.08
CA LEU A 259 -2.53 8.53 9.57
C LEU A 259 -1.50 8.59 8.46
N GLN A 260 -1.89 8.26 7.23
CA GLN A 260 -0.95 8.11 6.14
C GLN A 260 -1.26 8.98 4.94
N ARG A 261 -2.54 9.22 4.63
CA ARG A 261 -2.82 10.13 3.53
C ARG A 261 -2.69 11.60 3.94
N THR A 262 -2.80 11.93 5.22
CA THR A 262 -2.73 13.33 5.64
C THR A 262 -1.43 13.97 5.15
N PRO A 263 -1.49 15.07 4.37
CA PRO A 263 -0.27 15.63 3.76
C PRO A 263 0.79 16.01 4.77
N GLU A 264 0.39 16.49 5.95
CA GLU A 264 1.33 16.84 7.01
C GLU A 264 2.15 15.64 7.48
N VAL A 265 1.67 14.42 7.26
CA VAL A 265 2.47 13.21 7.45
C VAL A 265 3.01 12.69 6.12
N ALA A 266 2.14 12.60 5.10
CA ALA A 266 2.50 11.94 3.85
C ALA A 266 3.69 12.59 3.16
N ARG A 267 3.75 13.92 3.14
CA ARG A 267 4.78 14.59 2.34
C ARG A 267 6.17 14.25 2.86
N SER A 268 6.36 14.28 4.18
CA SER A 268 7.63 13.89 4.77
C SER A 268 7.93 12.41 4.54
N ARG A 269 6.98 11.54 4.88
CA ARG A 269 7.21 10.10 4.79
C ARG A 269 7.49 9.64 3.37
N ALA A 270 7.00 10.37 2.36
CA ALA A 270 7.14 9.94 0.98
C ALA A 270 8.29 10.59 0.25
N THR A 271 9.06 11.47 0.91
CA THR A 271 10.04 12.26 0.16
C THR A 271 11.12 11.40 -0.47
N PRO A 272 11.73 10.44 0.21
CA PRO A 272 12.77 9.65 -0.47
C PRO A 272 12.21 8.87 -1.65
N LEU A 273 11.01 8.31 -1.52
CA LEU A 273 10.39 7.60 -2.64
C LEU A 273 10.07 8.54 -3.77
N LEU A 274 9.61 9.75 -3.47
CA LEU A 274 9.39 10.76 -4.51
C LEU A 274 10.68 11.05 -5.26
N ASP A 275 11.78 11.27 -4.53
CA ASP A 275 13.06 11.50 -5.19
C ASP A 275 13.44 10.30 -6.07
N LEU A 276 13.28 9.08 -5.54
CA LEU A 276 13.62 7.90 -6.31
C LEU A 276 12.75 7.81 -7.55
N ILE A 277 11.43 7.98 -7.38
CA ILE A 277 10.54 7.94 -8.54
C ILE A 277 10.96 8.96 -9.60
N LYS A 278 11.21 10.20 -9.19
CA LYS A 278 11.51 11.22 -10.18
C LYS A 278 12.82 10.91 -10.89
N THR A 279 13.79 10.38 -10.15
CA THR A 279 15.04 9.96 -10.76
C THR A 279 14.82 8.88 -11.81
N ALA A 280 13.91 7.93 -11.53
CA ALA A 280 13.71 6.84 -12.49
C ALA A 280 12.96 7.32 -13.73
N LEU A 281 12.09 8.33 -13.58
CA LEU A 281 11.21 8.75 -14.67
C LEU A 281 11.79 9.90 -15.48
N THR A 282 12.81 10.57 -15.00
CA THR A 282 13.28 11.72 -15.76
C THR A 282 14.34 11.29 -16.76
N PRO A 283 14.23 11.66 -18.03
CA PRO A 283 15.29 11.32 -18.98
C PRO A 283 16.62 11.87 -18.52
N HIS A 284 17.66 11.05 -18.61
CA HIS A 284 18.97 11.49 -18.18
C HIS A 284 20.00 10.43 -18.54
N PRO A 285 21.25 10.80 -18.77
CA PRO A 285 22.29 9.79 -19.02
C PRO A 285 22.31 8.73 -17.93
N PRO A 286 22.20 7.45 -18.29
CA PRO A 286 22.10 6.40 -17.27
C PRO A 286 23.30 6.43 -16.34
N GLN A 287 23.02 6.34 -15.04
CA GLN A 287 24.09 6.41 -14.06
C GLN A 287 23.71 5.59 -12.83
N LYS A 288 24.69 4.88 -12.29
CA LYS A 288 24.50 4.08 -11.09
C LYS A 288 24.21 4.98 -9.91
N GLN A 289 23.03 4.83 -9.31
CA GLN A 289 22.65 5.69 -8.19
C GLN A 289 22.38 4.85 -6.94
N ALA A 290 21.22 5.02 -6.34
CA ALA A 290 20.90 4.31 -5.11
C ALA A 290 20.84 2.80 -5.33
N TYR A 291 21.38 2.05 -4.36
CA TYR A 291 21.34 0.59 -4.37
C TYR A 291 22.17 -0.04 -5.49
N GLY A 292 23.07 0.72 -6.11
CA GLY A 292 23.80 0.19 -7.24
C GLY A 292 22.94 -0.07 -8.46
N VAL A 293 21.74 0.51 -8.50
CA VAL A 293 20.84 0.39 -9.64
C VAL A 293 21.14 1.52 -10.61
N THR A 294 21.30 1.19 -11.90
CA THR A 294 21.48 2.23 -12.90
C THR A 294 20.13 2.81 -13.29
N LEU A 295 20.02 4.14 -13.25
CA LEU A 295 18.82 4.88 -13.58
C LEU A 295 19.17 6.03 -14.51
N PRO A 296 18.24 6.42 -15.41
CA PRO A 296 16.93 5.80 -15.55
C PRO A 296 17.07 4.46 -16.30
N THR A 297 16.03 3.63 -16.26
CA THR A 297 15.99 2.42 -17.07
C THR A 297 14.55 2.19 -17.50
N SER A 298 14.26 1.01 -18.04
CA SER A 298 12.94 0.77 -18.62
C SER A 298 11.89 0.49 -17.54
N VAL A 299 12.19 -0.42 -16.60
CA VAL A 299 11.23 -0.82 -15.56
C VAL A 299 11.92 -0.80 -14.21
N LEU A 300 11.28 -0.20 -13.22
CA LEU A 300 11.75 -0.20 -11.85
C LEU A 300 10.57 -0.65 -11.00
N PHE A 301 10.76 -1.73 -10.25
CA PHE A 301 9.78 -2.27 -9.32
C PHE A 301 10.31 -2.06 -7.91
N ILE A 302 9.49 -1.45 -7.06
CA ILE A 302 9.85 -1.11 -5.69
C ILE A 302 8.86 -1.83 -4.77
N ALA A 303 9.38 -2.73 -3.93
CA ALA A 303 8.56 -3.56 -3.04
C ALA A 303 8.52 -2.91 -1.67
N GLY A 304 7.36 -2.33 -1.32
CA GLY A 304 7.21 -1.54 -0.11
C GLY A 304 5.99 -1.99 0.68
N HIS A 305 5.30 -1.00 1.27
CA HIS A 305 4.24 -1.23 2.24
C HIS A 305 2.98 -0.44 1.90
N ASP A 306 1.89 -0.69 2.63
N ASP A 306 1.92 -0.78 2.64
CA ASP A 306 0.70 0.08 2.27
CA ASP A 306 0.65 -0.07 2.58
C ASP A 306 0.83 1.54 2.76
C ASP A 306 0.87 1.43 2.76
N GLU A 307 1.57 1.79 3.82
CA GLU A 307 1.80 3.19 4.16
C GLU A 307 2.44 3.95 3.00
N ASN A 308 3.30 3.28 2.23
CA ASN A 308 3.99 3.98 1.13
C ASN A 308 3.02 4.35 0.03
N LEU A 309 2.12 3.43 -0.35
CA LEU A 309 1.10 3.77 -1.34
C LEU A 309 0.23 4.92 -0.84
N ALA A 310 -0.20 4.84 0.42
CA ALA A 310 -1.03 5.90 0.99
C ALA A 310 -0.25 7.22 1.08
N ASN A 311 0.99 7.16 1.55
CA ASN A 311 1.82 8.36 1.61
C ASN A 311 1.94 9.02 0.24
N LEU A 312 2.26 8.24 -0.80
CA LEU A 312 2.40 8.83 -2.14
C LEU A 312 1.08 9.43 -2.60
N GLY A 313 -0.01 8.69 -2.40
CA GLY A 313 -1.34 9.19 -2.73
C GLY A 313 -1.62 10.51 -2.06
N GLY A 314 -1.30 10.61 -0.76
CA GLY A 314 -1.59 11.85 -0.05
C GLY A 314 -0.71 13.00 -0.49
N ALA A 315 0.58 12.72 -0.72
CA ALA A 315 1.51 13.78 -1.12
C ALA A 315 1.20 14.31 -2.52
N LEU A 316 0.84 13.44 -3.45
CA LEU A 316 0.59 13.86 -4.83
C LEU A 316 -0.87 14.08 -5.14
N GLU A 317 -1.72 14.15 -4.11
CA GLU A 317 -3.15 14.37 -4.31
C GLU A 317 -3.72 13.44 -5.36
N LEU A 318 -3.43 12.15 -5.22
CA LEU A 318 -4.00 11.07 -6.04
C LEU A 318 -5.05 10.36 -5.19
N ASN A 319 -6.31 10.40 -5.63
CA ASN A 319 -7.42 9.85 -4.87
C ASN A 319 -8.05 8.66 -5.59
N TRP A 320 -8.38 7.61 -4.83
CA TRP A 320 -8.96 6.44 -5.49
C TRP A 320 -9.72 5.58 -4.50
N THR A 321 -10.61 4.75 -5.05
CA THR A 321 -11.09 3.55 -4.38
C THR A 321 -11.04 2.42 -5.41
N LEU A 322 -10.91 1.19 -4.93
CA LEU A 322 -10.64 0.08 -5.84
C LEU A 322 -11.90 -0.74 -6.04
N PRO A 323 -12.52 -0.72 -7.22
CA PRO A 323 -13.70 -1.56 -7.43
C PRO A 323 -13.40 -3.03 -7.20
N GLY A 324 -14.21 -3.69 -6.36
CA GLY A 324 -14.03 -5.11 -6.09
C GLY A 324 -12.93 -5.47 -5.11
N GLN A 325 -12.26 -4.48 -4.52
CA GLN A 325 -11.13 -4.72 -3.62
C GLN A 325 -11.33 -3.85 -2.37
N PRO A 326 -11.88 -4.40 -1.27
CA PRO A 326 -12.22 -3.55 -0.12
C PRO A 326 -11.05 -2.80 0.46
N ASP A 327 -9.84 -3.30 0.32
CA ASP A 327 -8.65 -2.64 0.88
C ASP A 327 -8.08 -1.67 -0.16
N ASN A 328 -8.15 -0.35 0.13
CA ASN A 328 -7.66 0.67 -0.81
C ASN A 328 -6.17 0.55 -1.08
N THR A 329 -5.42 -0.11 -0.21
CA THR A 329 -3.98 -0.32 -0.38
C THR A 329 -3.71 -1.80 -0.18
N PRO A 330 -4.18 -2.64 -1.11
CA PRO A 330 -4.20 -4.08 -0.86
C PRO A 330 -2.84 -4.75 -1.10
N PRO A 331 -2.68 -5.96 -0.57
CA PRO A 331 -1.48 -6.76 -0.87
C PRO A 331 -1.24 -6.85 -2.36
N GLY A 332 0.01 -6.60 -2.76
CA GLY A 332 0.37 -6.58 -4.16
C GLY A 332 -0.17 -5.39 -4.94
N GLY A 333 -0.97 -4.52 -4.32
CA GLY A 333 -1.43 -3.32 -5.03
C GLY A 333 -0.27 -2.49 -5.55
N GLU A 334 -0.45 -1.93 -6.76
CA GLU A 334 0.66 -1.24 -7.44
C GLU A 334 0.27 0.19 -7.79
N LEU A 335 1.05 1.15 -7.31
CA LEU A 335 0.98 2.53 -7.79
C LEU A 335 1.95 2.63 -8.97
N VAL A 336 1.43 2.80 -10.19
CA VAL A 336 2.24 2.67 -11.41
C VAL A 336 2.41 4.06 -12.02
N PHE A 337 3.66 4.53 -12.08
CA PHE A 337 4.04 5.75 -12.79
C PHE A 337 4.63 5.36 -14.15
N GLU A 338 4.13 6.00 -15.22
CA GLU A 338 4.60 5.74 -16.58
C GLU A 338 4.97 7.06 -17.25
N ARG A 339 6.10 7.08 -17.93
CA ARG A 339 6.46 8.18 -18.81
C ARG A 339 6.14 7.79 -20.25
N TRP A 340 5.33 8.63 -20.89
CA TRP A 340 4.89 8.42 -22.27
C TRP A 340 5.38 9.56 -23.15
N ARG A 341 5.85 9.23 -24.34
CA ARG A 341 6.27 10.23 -25.31
C ARG A 341 5.19 10.39 -26.37
N ARG A 342 4.67 11.60 -26.53
CA ARG A 342 3.68 11.86 -27.56
C ARG A 342 4.38 12.10 -28.89
N LEU A 343 4.02 11.31 -29.91
CA LEU A 343 4.77 11.37 -31.16
C LEU A 343 4.47 12.64 -31.96
N SER A 344 3.27 13.21 -31.82
CA SER A 344 2.92 14.40 -32.58
C SER A 344 4.00 15.47 -32.44
N ASP A 345 4.44 15.73 -31.20
CA ASP A 345 5.41 16.79 -30.95
C ASP A 345 6.57 16.33 -30.08
N ASN A 346 6.62 15.05 -29.73
CA ASN A 346 7.68 14.43 -28.92
C ASN A 346 7.74 15.01 -27.49
N SER A 347 6.58 15.41 -26.96
CA SER A 347 6.50 15.87 -25.59
C SER A 347 6.37 14.66 -24.64
N GLN A 348 6.78 14.88 -23.39
CA GLN A 348 6.85 13.85 -22.36
C GLN A 348 5.69 14.01 -21.37
N TRP A 349 5.07 12.89 -20.98
CA TRP A 349 3.88 12.90 -20.13
C TRP A 349 4.01 11.82 -19.08
N ILE A 350 3.41 12.06 -17.90
CA ILE A 350 3.42 11.10 -16.80
C ILE A 350 1.99 10.62 -16.56
N GLN A 351 1.80 9.31 -16.58
CA GLN A 351 0.53 8.68 -16.23
C GLN A 351 0.68 7.93 -14.92
N VAL A 352 -0.34 8.00 -14.06
CA VAL A 352 -0.36 7.29 -12.79
C VAL A 352 -1.63 6.46 -12.71
N SER A 353 -1.49 5.21 -12.23
CA SER A 353 -2.55 4.20 -12.18
C SER A 353 -2.41 3.42 -10.88
N LEU A 354 -3.52 2.82 -10.42
CA LEU A 354 -3.47 1.90 -9.28
C LEU A 354 -3.90 0.56 -9.85
N VAL A 355 -2.97 -0.41 -9.92
CA VAL A 355 -3.20 -1.75 -10.47
C VAL A 355 -3.26 -2.74 -9.31
N PHE A 356 -4.28 -3.59 -9.31
CA PHE A 356 -4.57 -4.42 -8.15
C PHE A 356 -5.34 -5.68 -8.53
N GLN A 357 -5.23 -6.69 -7.69
CA GLN A 357 -6.12 -7.85 -7.80
C GLN A 357 -7.37 -7.57 -7.00
N THR A 358 -8.52 -7.84 -7.61
CA THR A 358 -9.76 -7.76 -6.84
C THR A 358 -9.73 -8.84 -5.75
N LEU A 359 -10.54 -8.65 -4.71
CA LEU A 359 -10.52 -9.66 -3.65
C LEU A 359 -10.88 -11.04 -4.19
N GLN A 360 -11.75 -11.11 -5.20
CA GLN A 360 -12.12 -12.42 -5.72
C GLN A 360 -11.01 -13.05 -6.53
N GLN A 361 -10.22 -12.21 -7.21
CA GLN A 361 -9.06 -12.71 -7.94
C GLN A 361 -8.02 -13.26 -6.98
N MET A 362 -7.92 -12.68 -5.78
CA MET A 362 -7.03 -13.29 -4.79
C MET A 362 -7.68 -14.53 -4.21
N ARG A 363 -8.98 -14.47 -3.91
CA ARG A 363 -9.66 -15.64 -3.35
C ARG A 363 -9.55 -16.85 -4.27
N ASP A 364 -9.75 -16.65 -5.56
CA ASP A 364 -9.73 -17.75 -6.52
C ASP A 364 -8.36 -18.00 -7.10
N LYS A 365 -7.35 -17.32 -6.62
CA LYS A 365 -6.00 -17.45 -7.15
C LYS A 365 -6.00 -17.37 -8.68
N THR A 366 -6.64 -16.33 -9.20
CA THR A 366 -6.87 -16.23 -10.67
C THR A 366 -5.59 -15.89 -11.44
N PRO A 367 -5.11 -16.75 -12.34
CA PRO A 367 -3.97 -16.36 -13.18
C PRO A 367 -4.32 -15.15 -14.02
N LEU A 368 -3.39 -14.20 -14.08
CA LEU A 368 -3.64 -12.93 -14.74
C LEU A 368 -2.97 -12.89 -16.10
N SER A 369 -3.61 -12.19 -17.04
CA SER A 369 -3.08 -12.09 -18.39
C SER A 369 -3.77 -10.91 -19.06
N LEU A 370 -3.47 -10.71 -20.34
CA LEU A 370 -4.12 -9.64 -21.09
C LEU A 370 -5.63 -9.86 -21.16
N ASN A 371 -6.07 -11.10 -21.27
CA ASN A 371 -7.51 -11.36 -21.34
C ASN A 371 -8.16 -11.50 -19.98
N THR A 372 -7.39 -11.65 -18.91
CA THR A 372 -7.89 -11.67 -17.53
C THR A 372 -7.00 -10.74 -16.72
N PRO A 373 -7.10 -9.45 -16.96
CA PRO A 373 -6.20 -8.48 -16.30
C PRO A 373 -6.61 -8.22 -14.86
N PRO A 374 -5.68 -7.76 -14.05
CA PRO A 374 -6.05 -7.20 -12.76
C PRO A 374 -6.92 -5.97 -12.98
N GLY A 375 -7.59 -5.53 -11.92
CA GLY A 375 -8.21 -4.22 -11.96
C GLY A 375 -7.19 -3.12 -12.11
N GLU A 376 -7.68 -1.98 -12.58
CA GLU A 376 -6.82 -0.82 -12.75
C GLU A 376 -7.69 0.42 -12.68
N VAL A 377 -7.23 1.40 -11.90
CA VAL A 377 -7.90 2.69 -11.77
C VAL A 377 -6.98 3.77 -12.30
N LYS A 378 -7.43 4.49 -13.32
CA LYS A 378 -6.69 5.67 -13.77
C LYS A 378 -6.79 6.77 -12.72
N LEU A 379 -5.66 7.36 -12.38
CA LEU A 379 -5.57 8.45 -11.43
C LEU A 379 -5.24 9.75 -12.16
N THR A 380 -5.49 10.86 -11.48
CA THR A 380 -5.00 12.14 -11.98
C THR A 380 -4.34 12.87 -10.82
N LEU A 381 -3.22 13.53 -11.09
CA LEU A 381 -2.62 14.42 -10.09
C LEU A 381 -3.49 15.67 -9.96
N ALA A 382 -4.26 15.76 -8.88
CA ALA A 382 -5.23 16.85 -8.77
C ALA A 382 -4.61 18.23 -8.97
N GLY A 383 -3.36 18.42 -8.57
CA GLY A 383 -2.73 19.73 -8.68
C GLY A 383 -2.04 20.02 -9.98
N CYS A 384 -2.14 19.13 -10.97
CA CYS A 384 -1.42 19.32 -12.23
C CYS A 384 -2.07 20.42 -13.05
N GLU A 385 -1.26 21.40 -13.49
CA GLU A 385 -1.75 22.50 -14.30
C GLU A 385 -1.70 22.23 -15.79
N GLU A 386 -0.92 21.26 -16.24
CA GLU A 386 -0.75 21.01 -17.67
C GLU A 386 -1.02 19.53 -17.92
N ARG A 387 -2.23 19.21 -18.36
CA ARG A 387 -2.62 17.83 -18.63
C ARG A 387 -2.90 17.64 -20.10
N ASN A 388 -2.73 16.40 -20.59
CA ASN A 388 -3.12 16.11 -21.96
C ASN A 388 -4.52 15.52 -21.97
N ALA A 389 -5.05 15.27 -23.17
CA ALA A 389 -6.42 14.80 -23.29
C ALA A 389 -6.66 13.51 -22.51
N GLN A 390 -5.63 12.67 -22.33
CA GLN A 390 -5.80 11.40 -21.64
C GLN A 390 -5.63 11.51 -20.13
N GLY A 391 -5.46 12.73 -19.61
CA GLY A 391 -5.37 12.94 -18.18
C GLY A 391 -3.96 12.96 -17.63
N MET A 392 -2.95 12.79 -18.47
CA MET A 392 -1.59 12.68 -17.92
C MET A 392 -1.06 14.09 -17.71
N CYS A 393 -0.12 14.20 -16.78
CA CYS A 393 0.54 15.47 -16.45
C CYS A 393 1.84 15.60 -17.26
N SER A 394 2.12 16.80 -17.76
CA SER A 394 3.40 16.96 -18.46
C SER A 394 4.56 16.63 -17.51
N LEU A 395 5.65 16.15 -18.12
CA LEU A 395 6.89 15.94 -17.37
C LEU A 395 7.20 17.14 -16.49
N ALA A 396 7.14 18.34 -17.07
CA ALA A 396 7.43 19.55 -16.29
C ALA A 396 6.41 19.77 -15.18
N GLY A 397 5.12 19.50 -15.45
CA GLY A 397 4.12 19.67 -14.40
C GLY A 397 4.32 18.72 -13.26
N PHE A 398 4.54 17.44 -13.59
CA PHE A 398 4.82 16.44 -12.58
C PHE A 398 6.06 16.81 -11.77
N THR A 399 7.13 17.23 -12.45
CA THR A 399 8.33 17.67 -11.73
C THR A 399 8.02 18.83 -10.78
N GLN A 400 7.25 19.82 -11.22
CA GLN A 400 6.91 20.93 -10.33
C GLN A 400 6.09 20.43 -9.14
N ILE A 401 5.12 19.54 -9.39
CA ILE A 401 4.31 19.00 -8.32
C ILE A 401 5.19 18.24 -7.32
N VAL A 402 6.11 17.42 -7.82
CA VAL A 402 6.99 16.69 -6.90
C VAL A 402 7.83 17.66 -6.09
N ASN A 403 8.38 18.71 -6.73
CA ASN A 403 9.25 19.61 -5.97
C ASN A 403 8.46 20.36 -4.92
N GLU A 404 7.18 20.61 -5.18
CA GLU A 404 6.34 21.27 -4.18
C GLU A 404 6.00 20.32 -3.03
N ALA A 405 5.70 19.06 -3.34
CA ALA A 405 5.20 18.17 -2.31
C ALA A 405 6.31 17.67 -1.39
N ARG A 406 7.53 17.53 -1.90
CA ARG A 406 8.60 16.92 -1.12
C ARG A 406 9.10 17.89 -0.06
N ILE A 407 9.62 17.32 1.03
CA ILE A 407 10.19 18.05 2.16
C ILE A 407 11.71 17.86 2.12
N PRO A 408 12.50 18.87 1.77
CA PRO A 408 13.94 18.63 1.57
C PRO A 408 14.68 18.10 2.80
N ALA A 409 14.28 18.49 4.01
CA ALA A 409 14.93 17.92 5.19
C ALA A 409 14.74 16.41 5.31
N CYS A 410 13.74 15.82 4.64
CA CYS A 410 13.50 14.39 4.70
C CYS A 410 14.21 13.62 3.58
N SER A 411 15.04 14.28 2.78
CA SER A 411 15.66 13.59 1.66
C SER A 411 16.87 12.79 2.15
N LEU A 412 17.19 11.74 1.40
CA LEU A 412 18.36 10.94 1.71
C LEU A 412 19.61 11.64 1.22
C1 IHS B . -6.11 15.16 -28.87
O1 IHS B . -5.95 15.55 -30.27
S1 IHS B . -7.23 15.74 -31.26
C2 IHS B . -5.60 13.70 -28.60
O2 IHS B . -7.81 17.11 -31.10
S2 IHS B . -7.89 12.62 -28.05
C3 IHS B . -4.12 13.68 -29.04
O3 IHS B . -6.97 15.41 -32.70
S3 IHS B . -3.41 12.60 -31.09
C4 IHS B . -3.45 14.67 -27.98
O4 IHS B . -8.22 14.68 -30.92
S4 IHS B . -2.84 13.15 -25.91
C5 IHS B . -3.83 16.12 -28.44
S5 IHS B . -1.86 16.75 -30.01
C6 IHS B . -5.34 16.31 -28.21
S6 IHS B . -4.83 17.52 -26.03
O12 IHS B . -6.69 12.99 -29.12
O13 IHS B . -4.06 13.94 -30.40
O14 IHS B . -3.85 14.27 -26.66
O15 IHS B . -3.42 16.29 -29.78
O16 IHS B . -5.43 16.26 -26.83
O22 IHS B . -7.40 11.62 -27.04
O23 IHS B . -4.44 11.54 -31.35
O24 IHS B . -2.39 12.07 -26.86
O25 IHS B . -0.99 16.10 -28.98
O26 IHS B . -6.04 18.25 -25.49
O32 IHS B . -8.51 13.78 -27.30
O33 IHS B . -2.29 12.13 -30.20
O34 IHS B . -3.49 12.33 -24.83
O35 IHS B . -1.33 16.11 -31.27
O36 IHS B . -4.05 17.06 -24.82
O42 IHS B . -8.96 11.83 -28.76
O43 IHS B . -2.90 12.93 -32.44
O44 IHS B . -1.68 13.92 -25.36
O45 IHS B . -1.76 18.24 -29.98
O46 IHS B . -4.01 18.45 -26.89
H1 IHS B . -7.02 15.09 -28.57
H2 IHS B . -5.48 13.25 -27.74
H3 IHS B . -3.60 12.87 -29.05
H4 IHS B . -2.50 14.63 -27.90
H5 IHS B . -3.35 16.82 -27.97
H6 IHS B . -5.70 17.13 -28.55
C1 IHS C . 3.35 -1.88 8.98
O1 IHS C . 4.62 -2.13 8.28
S1 IHS C . 5.55 -0.87 7.93
C2 IHS C . 3.52 -2.16 10.47
O2 IHS C . 5.70 -0.15 9.18
S2 IHS C . 5.12 -4.01 11.53
C3 IHS C . 2.18 -2.01 11.18
O3 IHS C . 6.77 -1.44 7.41
S3 IHS C . 2.57 -1.07 13.57
C4 IHS C . 1.12 -2.92 10.58
O4 IHS C . 4.78 -0.15 6.93
S4 IHS C . -0.89 -3.71 12.10
C5 IHS C . 0.98 -2.57 9.11
S5 IHS C . -1.23 -2.77 7.75
C6 IHS C . 2.30 -2.81 8.38
S6 IHS C . 2.39 -3.49 5.83
O12 IHS C . 3.92 -3.58 10.56
O13 IHS C . 2.32 -2.29 12.63
O14 IHS C . -0.17 -2.62 11.23
O15 IHS C . -0.06 -3.44 8.52
O16 IHS C . 2.14 -2.43 6.97
O22 IHS C . 5.96 -2.83 11.69
O23 IHS C . 3.75 -0.41 13.12
O24 IHS C . -2.14 -3.15 12.44
O25 IHS C . -1.81 -1.81 8.61
O26 IHS C . 2.08 -2.89 4.59
O32 IHS C . 4.48 -4.42 12.77
O33 IHS C . 1.38 -0.12 13.27
O34 IHS C . -0.86 -4.94 11.39
O35 IHS C . -0.44 -2.01 6.65
O36 IHS C . 1.36 -4.61 6.00
O42 IHS C . 5.81 -5.08 10.86
O43 IHS C . 2.43 -1.53 14.90
O44 IHS C . -0.06 -3.85 13.38
O45 IHS C . -2.00 -3.78 7.13
O46 IHS C . 3.69 -4.02 6.02
NI NI D . -4.50 -1.06 3.05
#